data_8P2B
#
_entry.id   8P2B
#
_cell.length_a   124.915
_cell.length_b   124.915
_cell.length_c   29.846
_cell.angle_alpha   90.00
_cell.angle_beta   90.00
_cell.angle_gamma   120.00
#
_symmetry.space_group_name_H-M   'P 63'
#
loop_
_entity.id
_entity.type
_entity.pdbx_description
1 polymer 'Clostridiaceae bacterium FMN4 domain 1'
2 non-polymer 'FLAVIN MONONUCLEOTIDE'
3 water water
#
_entity_poly.entity_id   1
_entity_poly.type   'polypeptide(L)'
_entity_poly.pdbx_seq_one_letter_code
;MLSYEVTAEGYGGPIRLMVYVEGEEIVDIEVLEENETPNLGDVAIEEMITKILEGQSTDVDVHSGATVSSNAVIEAVKQA
MAEAG
;
_entity_poly.pdbx_strand_id   A,B
#
# COMPACT_ATOMS: atom_id res chain seq x y z
N MET A 1 0.16 8.90 -11.63
CA MET A 1 1.21 7.90 -11.30
C MET A 1 1.09 7.54 -9.81
N LEU A 2 0.97 6.23 -9.57
CA LEU A 2 0.68 5.68 -8.25
C LEU A 2 1.99 5.43 -7.50
N SER A 3 1.90 5.52 -6.16
CA SER A 3 3.07 5.53 -5.29
C SER A 3 2.78 4.68 -4.04
N TYR A 4 3.32 3.46 -4.04
CA TYR A 4 3.05 2.46 -3.02
C TYR A 4 4.29 2.19 -2.19
N GLU A 5 4.15 2.06 -0.85
CA GLU A 5 5.23 1.66 0.05
C GLU A 5 5.02 0.18 0.35
N VAL A 6 6.04 -0.64 0.02
CA VAL A 6 5.92 -2.07 0.22
C VAL A 6 7.04 -2.56 1.12
N THR A 7 6.73 -3.63 1.85
CA THR A 7 7.65 -4.17 2.84
C THR A 7 7.56 -5.69 2.72
N ALA A 8 8.72 -6.34 2.65
CA ALA A 8 8.76 -7.80 2.70
C ALA A 8 9.92 -8.21 3.59
N GLU A 9 9.92 -9.50 3.94
CA GLU A 9 10.87 -10.01 4.91
C GLU A 9 12.14 -10.39 4.14
N GLY A 10 13.24 -9.72 4.47
CA GLY A 10 14.54 -10.05 3.91
C GLY A 10 15.31 -10.95 4.87
N TYR A 11 16.61 -11.10 4.58
CA TYR A 11 17.51 -11.97 5.30
C TYR A 11 17.84 -11.38 6.66
N GLY A 12 18.02 -10.05 6.70
CA GLY A 12 18.51 -9.40 7.90
C GLY A 12 17.37 -8.78 8.71
N GLY A 13 16.14 -9.03 8.26
CA GLY A 13 14.95 -8.41 8.78
C GLY A 13 14.21 -7.76 7.62
N PRO A 14 13.05 -7.12 7.90
CA PRO A 14 12.18 -6.59 6.83
C PRO A 14 12.89 -5.52 6.04
N ILE A 15 12.56 -5.39 4.74
CA ILE A 15 13.02 -4.27 3.91
C ILE A 15 11.80 -3.46 3.47
N ARG A 16 12.01 -2.15 3.26
CA ARG A 16 10.96 -1.24 2.85
C ARG A 16 11.35 -0.47 1.58
N LEU A 17 10.52 -0.62 0.54
CA LEU A 17 10.73 0.01 -0.75
C LEU A 17 9.59 0.97 -1.06
N MET A 18 9.88 1.95 -1.93
CA MET A 18 8.85 2.75 -2.57
C MET A 18 8.78 2.35 -4.06
N VAL A 19 7.62 1.85 -4.49
CA VAL A 19 7.42 1.45 -5.88
C VAL A 19 6.54 2.50 -6.57
N TYR A 20 6.98 2.95 -7.75
CA TYR A 20 6.24 3.94 -8.55
C TYR A 20 5.68 3.26 -9.81
N VAL A 21 4.37 3.41 -10.05
CA VAL A 21 3.73 2.77 -11.18
C VAL A 21 2.99 3.80 -12.04
N GLU A 22 2.92 3.51 -13.34
CA GLU A 22 2.21 4.30 -14.35
C GLU A 22 1.64 3.31 -15.36
N GLY A 23 0.37 2.92 -15.18
CA GLY A 23 -0.23 1.85 -15.97
C GLY A 23 0.28 0.50 -15.51
N GLU A 24 1.08 -0.19 -16.34
CA GLU A 24 1.86 -1.32 -15.88
C GLU A 24 3.34 -1.06 -16.09
N GLU A 25 3.73 0.21 -16.24
CA GLU A 25 5.13 0.57 -16.30
C GLU A 25 5.62 0.84 -14.89
N ILE A 26 6.61 0.04 -14.44
CA ILE A 26 7.31 0.33 -13.19
C ILE A 26 8.27 1.49 -13.47
N VAL A 27 7.93 2.66 -12.93
CA VAL A 27 8.69 3.87 -13.17
C VAL A 27 9.97 3.83 -12.35
N ASP A 28 9.88 3.43 -11.08
CA ASP A 28 11.04 3.49 -10.19
C ASP A 28 10.79 2.61 -8.95
N ILE A 29 11.89 2.33 -8.24
CA ILE A 29 11.87 1.64 -6.96
C ILE A 29 12.98 2.20 -6.09
N GLU A 30 12.63 3.00 -5.07
CA GLU A 30 13.61 3.47 -4.11
C GLU A 30 13.65 2.51 -2.92
N VAL A 31 14.82 2.42 -2.28
CA VAL A 31 14.99 1.71 -1.02
C VAL A 31 14.79 2.71 0.11
N LEU A 32 13.80 2.47 0.96
CA LEU A 32 13.56 3.31 2.13
C LEU A 32 14.36 2.76 3.32
N GLU A 33 14.35 1.43 3.46
CA GLU A 33 15.12 0.79 4.52
C GLU A 33 15.51 -0.63 4.12
N GLU A 34 16.80 -0.92 4.28
CA GLU A 34 17.22 -2.31 4.39
C GLU A 34 18.35 -2.41 5.41
N ASN A 35 18.32 -3.56 6.12
CA ASN A 35 19.38 -3.93 7.05
C ASN A 35 19.83 -5.35 6.71
N GLU A 36 20.04 -5.59 5.41
CA GLU A 36 20.67 -6.81 4.91
C GLU A 36 22.17 -6.73 5.13
N THR A 37 22.82 -7.86 4.88
CA THR A 37 24.25 -8.06 5.13
C THR A 37 25.05 -7.18 4.16
N PRO A 38 25.87 -6.22 4.68
CA PRO A 38 26.71 -5.39 3.80
C PRO A 38 27.52 -6.22 2.80
N ASN A 39 27.60 -5.72 1.56
CA ASN A 39 28.41 -6.27 0.48
C ASN A 39 27.82 -7.58 -0.04
N LEU A 40 26.59 -7.89 0.33
CA LEU A 40 25.95 -9.14 -0.10
C LEU A 40 24.46 -8.90 -0.38
N GLY A 41 23.70 -8.57 0.67
CA GLY A 41 22.26 -8.41 0.55
C GLY A 41 21.89 -7.05 -0.03
N ASP A 42 22.57 -5.98 0.43
CA ASP A 42 22.32 -4.64 -0.06
C ASP A 42 22.60 -4.56 -1.55
N VAL A 43 23.66 -5.26 -1.96
CA VAL A 43 24.07 -5.34 -3.35
C VAL A 43 23.03 -6.10 -4.18
N ALA A 44 22.48 -7.20 -3.63
CA ALA A 44 21.50 -8.00 -4.33
C ALA A 44 20.25 -7.17 -4.62
N ILE A 45 19.93 -6.25 -3.70
CA ILE A 45 18.76 -5.38 -3.81
C ILE A 45 18.99 -4.44 -4.98
N GLU A 46 20.13 -3.69 -4.99
CA GLU A 46 20.43 -2.72 -6.06
C GLU A 46 20.30 -3.42 -7.42
N GLU A 47 20.83 -4.65 -7.45
CA GLU A 47 20.89 -5.47 -8.63
C GLU A 47 19.49 -5.88 -9.08
N MET A 48 18.65 -6.21 -8.11
CA MET A 48 17.33 -6.74 -8.45
C MET A 48 16.43 -5.59 -8.90
N ILE A 49 16.63 -4.39 -8.34
CA ILE A 49 15.86 -3.23 -8.75
C ILE A 49 16.22 -2.91 -10.20
N THR A 50 17.51 -2.99 -10.50
CA THR A 50 18.01 -2.74 -11.84
C THR A 50 17.37 -3.72 -12.83
N LYS A 51 17.39 -5.03 -12.51
CA LYS A 51 16.85 -6.09 -13.35
C LYS A 51 15.36 -5.87 -13.67
N ILE A 52 14.63 -5.43 -12.64
CA ILE A 52 13.19 -5.39 -12.70
C ILE A 52 12.78 -4.16 -13.52
N LEU A 53 13.46 -3.03 -13.27
CA LEU A 53 13.20 -1.79 -14.01
C LEU A 53 13.59 -1.96 -15.49
N GLU A 54 14.74 -2.61 -15.74
CA GLU A 54 15.20 -2.80 -17.10
C GLU A 54 14.29 -3.83 -17.77
N GLY A 55 13.84 -4.85 -17.04
CA GLY A 55 13.06 -5.93 -17.62
C GLY A 55 11.57 -5.64 -17.66
N GLN A 56 11.11 -4.61 -16.93
CA GLN A 56 9.69 -4.31 -16.72
C GLN A 56 8.91 -5.59 -16.40
N SER A 57 9.44 -6.38 -15.47
CA SER A 57 8.97 -7.73 -15.18
C SER A 57 9.59 -8.20 -13.86
N THR A 58 8.78 -8.91 -13.06
CA THR A 58 9.24 -9.52 -11.82
C THR A 58 9.63 -10.98 -12.02
N ASP A 59 9.52 -11.50 -13.26
CA ASP A 59 9.98 -12.84 -13.56
C ASP A 59 11.45 -12.76 -14.01
N VAL A 60 12.36 -12.52 -13.04
CA VAL A 60 13.78 -12.28 -13.28
C VAL A 60 14.61 -13.14 -12.30
N ASP A 61 15.91 -13.32 -12.59
CA ASP A 61 16.75 -14.21 -11.81
C ASP A 61 17.23 -13.55 -10.53
N VAL A 62 17.31 -14.36 -9.47
CA VAL A 62 17.90 -13.94 -8.22
C VAL A 62 19.38 -13.62 -8.44
N HIS A 63 19.93 -12.73 -7.63
CA HIS A 63 21.36 -12.62 -7.40
C HIS A 63 21.80 -13.81 -6.55
N SER A 64 22.62 -14.69 -7.12
CA SER A 64 22.76 -16.08 -6.67
C SER A 64 23.37 -16.27 -5.29
N GLY A 65 24.17 -15.33 -4.79
CA GLY A 65 24.66 -15.47 -3.42
C GLY A 65 23.61 -15.15 -2.36
N ALA A 66 22.41 -14.75 -2.78
CA ALA A 66 21.56 -13.89 -1.95
C ALA A 66 20.12 -14.04 -2.40
N THR A 67 19.64 -15.28 -2.38
CA THR A 67 18.27 -15.56 -2.81
C THR A 67 17.25 -14.92 -1.87
N VAL A 68 17.60 -14.71 -0.60
CA VAL A 68 16.58 -14.32 0.36
C VAL A 68 16.28 -12.82 0.19
N SER A 69 17.35 -12.01 0.08
CA SER A 69 17.27 -10.61 -0.30
C SER A 69 16.62 -10.44 -1.68
N SER A 70 16.96 -11.34 -2.60
CA SER A 70 16.49 -11.20 -3.98
C SER A 70 14.98 -11.41 -4.02
N ASN A 71 14.50 -12.49 -3.39
CA ASN A 71 13.09 -12.83 -3.36
C ASN A 71 12.31 -11.76 -2.59
N ALA A 72 12.91 -11.16 -1.56
CA ALA A 72 12.23 -10.09 -0.84
C ALA A 72 11.86 -8.97 -1.82
N VAL A 73 12.79 -8.60 -2.70
CA VAL A 73 12.56 -7.50 -3.64
C VAL A 73 11.51 -7.92 -4.67
N ILE A 74 11.66 -9.12 -5.25
CA ILE A 74 10.67 -9.66 -6.18
C ILE A 74 9.29 -9.63 -5.56
N GLU A 75 9.20 -10.07 -4.29
CA GLU A 75 7.92 -10.26 -3.62
C GLU A 75 7.29 -8.90 -3.33
N ALA A 76 8.12 -7.94 -2.89
CA ALA A 76 7.67 -6.58 -2.56
C ALA A 76 7.04 -5.93 -3.77
N VAL A 77 7.67 -6.14 -4.94
CA VAL A 77 7.25 -5.50 -6.16
C VAL A 77 6.06 -6.26 -6.75
N LYS A 78 5.95 -7.56 -6.49
CA LYS A 78 4.78 -8.30 -6.98
C LYS A 78 3.52 -7.76 -6.29
N GLN A 79 3.68 -7.32 -5.04
CA GLN A 79 2.58 -6.82 -4.21
C GLN A 79 2.07 -5.51 -4.81
N ALA A 80 2.99 -4.60 -5.15
CA ALA A 80 2.66 -3.29 -5.70
C ALA A 80 2.02 -3.39 -7.09
N MET A 81 2.41 -4.43 -7.85
CA MET A 81 1.99 -4.62 -9.23
C MET A 81 0.72 -5.48 -9.30
N ALA A 82 0.08 -5.75 -8.17
CA ALA A 82 -1.27 -6.29 -8.20
C ALA A 82 -2.25 -5.27 -7.60
N GLU A 83 -2.42 -4.11 -8.25
CA GLU A 83 -3.23 -3.01 -7.73
C GLU A 83 -3.96 -2.25 -8.85
N MET B 1 3.65 -6.22 2.98
CA MET B 1 2.59 -5.23 3.26
C MET B 1 2.78 -3.98 2.40
N LEU B 2 1.65 -3.38 2.03
CA LEU B 2 1.60 -2.31 1.06
C LEU B 2 0.79 -1.14 1.64
N SER B 3 1.16 0.11 1.32
CA SER B 3 0.38 1.25 1.76
C SER B 3 0.41 2.38 0.71
N TYR B 4 -0.77 2.65 0.14
CA TYR B 4 -1.03 3.87 -0.62
C TYR B 4 -1.95 4.80 0.18
N GLU B 5 -1.97 6.06 -0.26
CA GLU B 5 -2.88 7.09 0.23
C GLU B 5 -4.10 7.23 -0.68
N VAL B 6 -5.33 7.37 -0.16
CA VAL B 6 -6.48 7.67 -1.00
C VAL B 6 -7.15 8.95 -0.51
N THR B 7 -7.92 9.53 -1.44
CA THR B 7 -8.62 10.78 -1.18
C THR B 7 -10.00 10.70 -1.83
N ALA B 8 -11.05 11.15 -1.14
CA ALA B 8 -12.36 11.37 -1.76
C ALA B 8 -13.01 12.62 -1.16
N GLU B 9 -14.09 13.06 -1.82
CA GLU B 9 -14.71 14.33 -1.46
C GLU B 9 -15.76 14.02 -0.39
N GLY B 10 -15.56 14.58 0.81
CA GLY B 10 -16.56 14.45 1.86
C GLY B 10 -17.49 15.67 1.93
N TYR B 11 -18.30 15.73 3.01
CA TYR B 11 -19.28 16.77 3.26
C TYR B 11 -18.60 18.12 3.55
N GLY B 12 -17.51 18.07 4.33
CA GLY B 12 -16.86 19.30 4.76
C GLY B 12 -15.56 19.59 3.99
N GLY B 13 -15.40 18.90 2.85
CA GLY B 13 -14.18 18.98 2.08
C GLY B 13 -13.48 17.62 1.99
N PRO B 14 -12.23 17.60 1.47
CA PRO B 14 -11.57 16.35 1.11
C PRO B 14 -11.25 15.52 2.35
N ILE B 15 -11.34 14.19 2.18
CA ILE B 15 -10.92 13.21 3.17
C ILE B 15 -9.68 12.50 2.62
N ARG B 16 -8.66 12.35 3.47
CA ARG B 16 -7.43 11.68 3.09
C ARG B 16 -7.17 10.52 4.05
N LEU B 17 -7.10 9.30 3.49
CA LEU B 17 -6.86 8.08 4.24
C LEU B 17 -5.57 7.42 3.80
N MET B 18 -4.98 6.59 4.68
CA MET B 18 -3.88 5.70 4.32
C MET B 18 -4.39 4.27 4.39
N VAL B 19 -4.31 3.54 3.26
CA VAL B 19 -4.80 2.18 3.24
C VAL B 19 -3.62 1.19 3.31
N TYR B 20 -3.75 0.19 4.21
CA TYR B 20 -2.76 -0.84 4.41
C TYR B 20 -3.33 -2.18 3.93
N VAL B 21 -2.55 -2.86 3.08
CA VAL B 21 -2.94 -4.13 2.50
C VAL B 21 -1.85 -5.16 2.78
N GLU B 22 -2.30 -6.40 3.01
CA GLU B 22 -1.44 -7.57 3.08
C GLU B 22 -2.33 -8.78 2.79
N GLY B 23 -1.82 -9.71 1.97
CA GLY B 23 -2.60 -10.85 1.55
C GLY B 23 -3.66 -10.45 0.52
N GLU B 24 -3.50 -9.26 -0.07
CA GLU B 24 -4.53 -8.67 -0.91
C GLU B 24 -5.78 -8.33 -0.10
N GLU B 25 -5.63 -8.16 1.22
CA GLU B 25 -6.73 -7.85 2.11
C GLU B 25 -6.43 -6.51 2.76
N ILE B 26 -7.48 -5.74 3.03
CA ILE B 26 -7.34 -4.50 3.81
C ILE B 26 -7.09 -4.88 5.28
N VAL B 27 -6.03 -4.30 5.85
CA VAL B 27 -5.63 -4.66 7.20
C VAL B 27 -5.63 -3.43 8.13
N ASP B 28 -5.51 -2.23 7.57
CA ASP B 28 -5.66 -1.02 8.35
C ASP B 28 -6.06 0.13 7.44
N ILE B 29 -6.63 1.17 8.07
CA ILE B 29 -7.02 2.41 7.42
C ILE B 29 -6.82 3.54 8.41
N GLU B 30 -5.79 4.36 8.22
CA GLU B 30 -5.60 5.53 9.05
C GLU B 30 -6.23 6.73 8.37
N VAL B 31 -6.72 7.67 9.19
CA VAL B 31 -7.25 8.93 8.72
C VAL B 31 -6.12 9.95 8.78
N LEU B 32 -5.75 10.50 7.61
CA LEU B 32 -4.69 11.50 7.52
C LEU B 32 -5.28 12.89 7.65
N GLU B 33 -6.43 13.14 7.02
CA GLU B 33 -7.11 14.43 7.12
C GLU B 33 -8.62 14.28 6.88
N GLU B 34 -9.39 14.86 7.80
CA GLU B 34 -10.80 15.08 7.57
C GLU B 34 -11.26 16.31 8.34
N ASN B 35 -12.18 17.05 7.72
CA ASN B 35 -12.80 18.23 8.30
C ASN B 35 -14.30 18.08 8.12
N GLU B 36 -14.83 16.87 8.40
CA GLU B 36 -16.26 16.63 8.48
C GLU B 36 -16.82 17.16 9.80
N THR B 37 -18.15 17.09 9.90
CA THR B 37 -18.89 17.73 10.99
C THR B 37 -18.65 16.96 12.28
N PRO B 38 -18.07 17.56 13.34
CA PRO B 38 -17.91 16.88 14.63
C PRO B 38 -19.20 16.21 15.11
N ASN B 39 -19.02 14.99 15.63
CA ASN B 39 -20.07 14.18 16.25
C ASN B 39 -21.07 13.64 15.23
N LEU B 40 -20.74 13.75 13.93
CA LEU B 40 -21.61 13.22 12.89
C LEU B 40 -20.78 12.58 11.77
N GLY B 41 -19.98 13.40 11.09
CA GLY B 41 -19.23 12.97 9.93
C GLY B 41 -17.90 12.32 10.34
N ASP B 42 -17.21 12.88 11.35
CA ASP B 42 -15.98 12.26 11.84
C ASP B 42 -16.28 10.86 12.39
N VAL B 43 -17.44 10.74 13.03
CA VAL B 43 -17.90 9.50 13.61
C VAL B 43 -18.24 8.51 12.49
N ALA B 44 -18.84 9.01 11.39
CA ALA B 44 -19.22 8.15 10.27
C ALA B 44 -17.98 7.50 9.65
N ILE B 45 -16.88 8.26 9.65
CA ILE B 45 -15.62 7.81 9.12
C ILE B 45 -15.12 6.68 10.00
N GLU B 46 -14.91 6.99 11.28
CA GLU B 46 -14.39 6.03 12.25
C GLU B 46 -15.27 4.78 12.22
N GLU B 47 -16.57 4.96 12.06
CA GLU B 47 -17.54 3.88 12.01
C GLU B 47 -17.39 3.05 10.74
N MET B 48 -17.12 3.69 9.62
CA MET B 48 -16.96 2.97 8.35
C MET B 48 -15.65 2.18 8.35
N ILE B 49 -14.61 2.74 8.97
CA ILE B 49 -13.32 2.08 9.05
C ILE B 49 -13.47 0.84 9.93
N THR B 50 -14.23 1.00 11.02
CA THR B 50 -14.52 -0.10 11.92
C THR B 50 -15.22 -1.23 11.18
N LYS B 51 -16.25 -0.91 10.40
CA LYS B 51 -17.07 -1.90 9.72
C LYS B 51 -16.26 -2.67 8.69
N ILE B 52 -15.35 -1.95 8.04
CA ILE B 52 -14.58 -2.49 6.92
C ILE B 52 -13.53 -3.44 7.49
N LEU B 53 -12.84 -3.00 8.54
CA LEU B 53 -11.78 -3.81 9.14
C LEU B 53 -12.36 -5.02 9.83
N GLU B 54 -13.58 -4.91 10.39
CA GLU B 54 -14.25 -6.03 11.05
C GLU B 54 -14.44 -7.17 10.06
N GLY B 55 -14.81 -6.89 8.81
CA GLY B 55 -15.10 -7.95 7.84
C GLY B 55 -14.17 -7.99 6.63
N GLN B 56 -13.14 -7.14 6.66
CA GLN B 56 -12.20 -6.88 5.58
C GLN B 56 -12.94 -6.81 4.24
N SER B 57 -14.01 -6.00 4.23
CA SER B 57 -14.92 -5.89 3.09
C SER B 57 -15.52 -4.47 3.10
N THR B 58 -15.71 -3.91 1.89
CA THR B 58 -16.32 -2.59 1.71
C THR B 58 -17.81 -2.71 1.36
N ASP B 59 -18.36 -3.93 1.40
CA ASP B 59 -19.81 -4.10 1.41
C ASP B 59 -20.31 -3.91 2.85
N VAL B 60 -20.47 -2.63 3.26
CA VAL B 60 -20.90 -2.25 4.60
C VAL B 60 -22.07 -1.25 4.47
N ASP B 61 -22.90 -1.17 5.52
CA ASP B 61 -23.97 -0.19 5.54
C ASP B 61 -23.41 1.16 5.99
N VAL B 62 -23.94 2.23 5.37
CA VAL B 62 -23.53 3.60 5.68
C VAL B 62 -24.00 3.89 7.11
N HIS B 63 -23.31 4.81 7.78
CA HIS B 63 -23.79 5.43 9.00
C HIS B 63 -24.91 6.39 8.60
N SER B 64 -26.16 5.98 8.83
CA SER B 64 -27.33 6.72 8.38
C SER B 64 -27.42 8.07 9.08
N GLY B 65 -27.75 9.10 8.29
CA GLY B 65 -27.65 10.46 8.77
C GLY B 65 -26.28 11.07 8.51
N ALA B 66 -25.33 10.22 8.09
CA ALA B 66 -24.02 10.69 7.66
C ALA B 66 -23.60 9.91 6.42
N THR B 67 -24.50 9.84 5.45
CA THR B 67 -24.26 9.08 4.24
C THR B 67 -23.15 9.71 3.41
N VAL B 68 -22.92 11.03 3.55
CA VAL B 68 -22.00 11.69 2.63
C VAL B 68 -20.59 11.30 2.99
N SER B 69 -20.28 11.44 4.29
CA SER B 69 -19.03 11.02 4.89
C SER B 69 -18.85 9.51 4.71
N SER B 70 -19.94 8.75 4.88
CA SER B 70 -19.85 7.29 4.83
C SER B 70 -19.42 6.83 3.44
N ASN B 71 -20.12 7.34 2.42
CA ASN B 71 -19.84 6.98 1.04
C ASN B 71 -18.48 7.47 0.61
N ALA B 72 -18.03 8.62 1.12
CA ALA B 72 -16.71 9.10 0.74
C ALA B 72 -15.66 8.04 1.12
N VAL B 73 -15.81 7.45 2.32
CA VAL B 73 -14.83 6.49 2.81
C VAL B 73 -14.94 5.21 1.99
N ILE B 74 -16.17 4.71 1.80
CA ILE B 74 -16.38 3.51 1.03
C ILE B 74 -15.80 3.70 -0.37
N GLU B 75 -16.06 4.86 -0.99
CA GLU B 75 -15.64 5.14 -2.37
C GLU B 75 -14.11 5.14 -2.44
N ALA B 76 -13.48 5.86 -1.51
CA ALA B 76 -12.03 6.06 -1.49
C ALA B 76 -11.30 4.72 -1.41
N VAL B 77 -11.84 3.82 -0.58
CA VAL B 77 -11.22 2.55 -0.29
C VAL B 77 -11.59 1.55 -1.38
N LYS B 78 -12.73 1.75 -2.05
CA LYS B 78 -13.33 0.65 -2.78
C LYS B 78 -12.54 0.35 -4.04
N GLN B 79 -11.63 1.23 -4.46
CA GLN B 79 -10.74 1.02 -5.60
C GLN B 79 -10.08 -0.36 -5.59
N ALA B 80 -8.92 -0.54 -4.93
CA ALA B 80 -8.41 -1.90 -4.75
C ALA B 80 -8.65 -2.31 -3.29
N MET B 81 -9.85 -2.88 -3.01
CA MET B 81 -10.23 -3.46 -1.72
C MET B 81 -9.46 -4.79 -1.52
#